data_4H8E
#
_entry.id   4H8E
#
_cell.length_a   57.303
_cell.length_b   57.303
_cell.length_c   158.824
_cell.angle_alpha   90.000
_cell.angle_beta   90.000
_cell.angle_gamma   90.000
#
_symmetry.space_group_name_H-M   'P 41 21 2'
#
loop_
_entity.id
_entity.type
_entity.pdbx_description
1 polymer 'Undecaprenyl pyrophosphate synthase'
2 non-polymer 'MAGNESIUM ION'
3 non-polymer 'FARNESYL DIPHOSPHATE'
4 non-polymer 'SULFATE ION'
5 water water
#
_entity_poly.entity_id   1
_entity_poly.type   'polypeptide(L)'
_entity_poly.pdbx_seq_one_letter_code
;MFKKLINKKNTINNYNEELDSSNIPEHIAIIMDGNGRWAKKRKMPRIKGHYEGMQTIKKITRIASDIGVKYLTLYAFSTE
NWSRPESEVNYIMNLPVNFLKTFLPELIEKNVKVETIGFTDKLPKSTIEAINNAKEKTANNTGLKLIFAINYGGRAELVH
SIKNMFDELHQQGLNSDIIDETYINNHLMTKDYPDPELLIRTSGEQRISNFLIWQVSYSEFIFNQKLWPDFDEDELIKCI
KIYQSRQRRFGGLSEE
;
_entity_poly.pdbx_strand_id   A
#
loop_
_chem_comp.id
_chem_comp.type
_chem_comp.name
_chem_comp.formula
FPP non-polymer 'FARNESYL DIPHOSPHATE' 'C15 H28 O7 P2'
MG non-polymer 'MAGNESIUM ION' 'Mg 2'
SO4 non-polymer 'SULFATE ION' 'O4 S -2'
#
# COMPACT_ATOMS: atom_id res chain seq x y z
N LEU A 19 0.82 -1.63 23.84
CA LEU A 19 0.19 -0.58 22.99
C LEU A 19 -0.94 0.13 23.71
N ASP A 20 -1.11 1.42 23.48
CA ASP A 20 -2.31 2.19 23.93
C ASP A 20 -3.41 1.77 22.95
N SER A 21 -4.39 0.97 23.42
CA SER A 21 -5.43 0.46 22.60
C SER A 21 -6.38 1.57 22.19
N SER A 22 -6.28 2.82 22.66
CA SER A 22 -7.12 3.87 22.22
C SER A 22 -6.52 4.70 21.16
N ASN A 23 -5.24 4.37 20.76
CA ASN A 23 -4.52 5.11 19.76
C ASN A 23 -3.85 4.18 18.68
N ILE A 24 -4.62 3.18 18.26
CA ILE A 24 -4.20 2.38 17.10
C ILE A 24 -4.33 3.27 15.85
N PRO A 25 -3.28 3.44 15.04
CA PRO A 25 -3.47 4.24 13.79
C PRO A 25 -4.54 3.67 12.92
N GLU A 26 -5.27 4.50 12.28
CA GLU A 26 -6.30 4.04 11.37
C GLU A 26 -5.75 3.50 10.05
N HIS A 27 -4.67 4.14 9.55
CA HIS A 27 -4.13 3.80 8.24
C HIS A 27 -2.60 3.77 8.31
N ILE A 28 -2.05 2.55 8.10
CA ILE A 28 -0.58 2.34 8.01
C ILE A 28 -0.28 2.08 6.55
N ALA A 29 0.72 2.76 6.00
CA ALA A 29 1.22 2.52 4.64
C ALA A 29 2.61 1.93 4.77
N ILE A 30 2.86 0.92 3.91
CA ILE A 30 4.21 0.31 4.06
C ILE A 30 4.94 0.18 2.75
N ILE A 31 6.15 0.61 2.64
CA ILE A 31 7.08 0.36 1.49
C ILE A 31 7.84 -0.91 1.85
N MET A 32 7.51 -2.01 1.17
CA MET A 32 8.05 -3.36 1.42
C MET A 32 9.44 -3.72 0.83
N ASP A 33 10.39 -3.00 1.22
CA ASP A 33 11.70 -3.03 0.55
C ASP A 33 12.65 -4.05 1.23
N GLY A 34 13.59 -4.53 0.42
CA GLY A 34 14.61 -5.44 0.88
C GLY A 34 14.42 -6.88 0.41
N ASN A 35 13.45 -7.20 -0.40
CA ASN A 35 13.27 -8.56 -0.90
C ASN A 35 14.50 -9.05 -1.64
N GLY A 36 15.10 -8.21 -2.48
CA GLY A 36 16.25 -8.62 -3.29
C GLY A 36 17.43 -8.92 -2.42
N ARG A 37 17.70 -8.02 -1.49
CA ARG A 37 18.86 -8.19 -0.62
C ARG A 37 18.68 -9.45 0.28
N TRP A 38 17.43 -9.72 0.67
CA TRP A 38 17.17 -10.87 1.51
C TRP A 38 17.59 -12.14 0.77
N ALA A 39 17.24 -12.23 -0.49
CA ALA A 39 17.63 -13.41 -1.35
C ALA A 39 19.13 -13.34 -1.55
N LYS A 40 19.75 -12.23 -1.89
CA LYS A 40 21.17 -12.23 -2.22
C LYS A 40 22.00 -12.61 -0.97
N LYS A 41 21.58 -12.28 0.25
CA LYS A 41 22.31 -12.70 1.48
C LYS A 41 22.38 -14.23 1.53
N ARG A 42 21.41 -14.90 0.96
CA ARG A 42 21.30 -16.34 1.00
C ARG A 42 21.81 -16.92 -0.34
N LYS A 43 22.42 -16.17 -1.20
CA LYS A 43 22.86 -16.59 -2.50
C LYS A 43 21.73 -17.27 -3.21
N MET A 44 20.59 -16.59 -3.26
CA MET A 44 19.39 -17.06 -3.98
C MET A 44 18.99 -16.01 -5.03
N PRO A 45 18.25 -16.38 -6.07
CA PRO A 45 17.87 -15.40 -7.05
C PRO A 45 16.89 -14.32 -6.39
N ARG A 46 16.92 -13.14 -6.92
CA ARG A 46 16.04 -12.09 -6.42
C ARG A 46 14.58 -12.52 -6.34
N ILE A 47 14.09 -13.29 -7.31
CA ILE A 47 12.69 -13.71 -7.26
C ILE A 47 12.33 -14.50 -6.03
N LYS A 48 13.28 -15.28 -5.47
CA LYS A 48 12.98 -15.95 -4.26
C LYS A 48 12.62 -15.00 -3.10
N GLY A 49 13.36 -13.87 -3.09
CA GLY A 49 13.04 -12.85 -2.08
C GLY A 49 11.62 -12.31 -2.26
N HIS A 50 11.16 -12.13 -3.49
CA HIS A 50 9.78 -11.70 -3.78
C HIS A 50 8.78 -12.75 -3.34
N TYR A 51 9.03 -14.04 -3.60
CA TYR A 51 8.16 -15.11 -3.08
C TYR A 51 7.98 -15.00 -1.57
N GLU A 52 9.07 -14.87 -0.86
CA GLU A 52 9.04 -14.74 0.60
C GLU A 52 8.38 -13.42 1.06
N GLY A 53 8.59 -12.37 0.30
CA GLY A 53 7.88 -11.10 0.63
C GLY A 53 6.40 -11.20 0.44
N MET A 54 5.94 -11.96 -0.54
CA MET A 54 4.52 -12.24 -0.74
C MET A 54 3.94 -13.00 0.47
N GLN A 55 4.70 -13.95 0.98
CA GLN A 55 4.22 -14.66 2.13
C GLN A 55 4.16 -13.81 3.36
N THR A 56 5.10 -12.87 3.50
CA THR A 56 5.16 -12.00 4.67
C THR A 56 3.95 -11.04 4.68
N ILE A 57 3.42 -10.68 3.53
CA ILE A 57 2.16 -9.89 3.48
C ILE A 57 1.08 -10.56 4.33
N LYS A 58 1.02 -11.89 4.29
CA LYS A 58 -0.05 -12.62 5.00
C LYS A 58 0.11 -12.42 6.52
N LYS A 59 1.34 -12.50 7.01
CA LYS A 59 1.65 -12.27 8.43
C LYS A 59 1.23 -10.89 8.90
N ILE A 60 1.58 -9.91 8.12
CA ILE A 60 1.30 -8.52 8.49
C ILE A 60 -0.17 -8.24 8.37
N THR A 61 -0.87 -8.74 7.35
CA THR A 61 -2.30 -8.57 7.23
C THR A 61 -3.00 -9.13 8.49
N ARG A 62 -2.58 -10.30 8.97
CA ARG A 62 -3.21 -10.91 10.14
C ARG A 62 -3.08 -10.01 11.36
N ILE A 63 -1.88 -9.57 11.70
CA ILE A 63 -1.74 -8.77 12.89
C ILE A 63 -2.44 -7.40 12.77
N ALA A 64 -2.35 -6.78 11.58
CA ALA A 64 -3.00 -5.49 11.41
C ALA A 64 -4.50 -5.69 11.60
N SER A 65 -5.08 -6.72 11.07
CA SER A 65 -6.49 -6.94 11.24
C SER A 65 -6.80 -7.25 12.69
N ASP A 66 -5.99 -8.04 13.39
CA ASP A 66 -6.32 -8.43 14.76
C ASP A 66 -6.17 -7.29 15.69
N ILE A 67 -5.33 -6.28 15.48
CA ILE A 67 -5.18 -5.15 16.41
C ILE A 67 -6.13 -4.06 15.98
N GLY A 68 -6.85 -4.13 14.89
CA GLY A 68 -7.87 -3.14 14.52
C GLY A 68 -7.35 -1.99 13.70
N VAL A 69 -6.28 -2.15 12.91
CA VAL A 69 -5.93 -1.15 11.88
C VAL A 69 -7.05 -1.18 10.84
N LYS A 70 -7.48 -0.01 10.37
CA LYS A 70 -8.58 0.07 9.38
C LYS A 70 -8.17 -0.05 7.96
N TYR A 71 -6.98 0.48 7.62
CA TYR A 71 -6.50 0.49 6.21
C TYR A 71 -5.00 0.14 6.25
N LEU A 72 -4.61 -0.75 5.33
CA LEU A 72 -3.17 -1.12 5.21
C LEU A 72 -2.83 -1.00 3.75
N THR A 73 -2.03 -0.05 3.36
CA THR A 73 -1.62 0.15 1.94
C THR A 73 -0.24 -0.34 1.77
N LEU A 74 -0.02 -1.25 0.82
CA LEU A 74 1.29 -1.88 0.58
C LEU A 74 1.80 -1.50 -0.77
N TYR A 75 3.03 -1.04 -0.88
CA TYR A 75 3.63 -0.63 -2.17
C TYR A 75 4.20 -1.86 -2.88
N ALA A 76 3.38 -2.40 -3.74
CA ALA A 76 3.73 -3.71 -4.41
C ALA A 76 4.50 -3.46 -5.69
N PHE A 77 4.24 -2.45 -6.48
CA PHE A 77 4.95 -2.27 -7.74
C PHE A 77 4.75 -0.80 -8.16
N SER A 78 5.84 -0.11 -8.34
CA SER A 78 5.74 1.34 -8.69
C SER A 78 5.69 1.55 -10.20
N THR A 79 5.32 2.76 -10.61
CA THR A 79 5.45 3.15 -12.01
C THR A 79 6.91 3.18 -12.44
N GLU A 80 7.90 3.25 -11.62
CA GLU A 80 9.33 3.23 -12.03
C GLU A 80 9.85 1.78 -12.06
N ASN A 81 9.16 0.82 -11.48
CA ASN A 81 9.71 -0.57 -11.40
C ASN A 81 9.60 -1.27 -12.74
N TRP A 82 8.94 -0.72 -13.73
CA TRP A 82 9.00 -1.27 -15.10
C TRP A 82 10.40 -1.25 -15.70
N SER A 83 11.34 -0.49 -15.13
CA SER A 83 12.67 -0.50 -15.60
C SER A 83 13.44 -1.76 -15.27
N ARG A 84 12.94 -2.55 -14.37
CA ARG A 84 13.62 -3.74 -13.88
C ARG A 84 13.56 -4.90 -14.93
N PRO A 85 14.35 -5.95 -14.71
CA PRO A 85 14.33 -7.05 -15.72
C PRO A 85 12.98 -7.59 -15.87
N GLU A 86 12.63 -7.93 -17.10
CA GLU A 86 11.30 -8.46 -17.39
C GLU A 86 10.96 -9.71 -16.58
N SER A 87 11.94 -10.57 -16.35
CA SER A 87 11.63 -11.78 -15.55
C SER A 87 11.13 -11.42 -14.14
N GLU A 88 11.75 -10.43 -13.52
CA GLU A 88 11.37 -9.94 -12.19
C GLU A 88 10.00 -9.22 -12.23
N VAL A 89 9.79 -8.40 -13.23
CA VAL A 89 8.46 -7.76 -13.36
C VAL A 89 7.39 -8.77 -13.51
N ASN A 90 7.58 -9.75 -14.39
CA ASN A 90 6.58 -10.80 -14.60
C ASN A 90 6.34 -11.60 -13.34
N TYR A 91 7.40 -11.91 -12.59
CA TYR A 91 7.21 -12.70 -11.37
C TYR A 91 6.37 -11.92 -10.37
N ILE A 92 6.74 -10.67 -10.10
CA ILE A 92 5.95 -9.86 -9.16
C ILE A 92 4.52 -9.73 -9.64
N MET A 93 4.29 -9.50 -10.92
CA MET A 93 2.94 -9.31 -11.42
C MET A 93 2.13 -10.55 -11.40
N ASN A 94 2.74 -11.73 -11.38
CA ASN A 94 2.04 -12.97 -11.25
C ASN A 94 1.75 -13.42 -9.81
N LEU A 95 2.56 -12.98 -8.88
CA LEU A 95 2.42 -13.43 -7.48
C LEU A 95 1.05 -13.15 -6.85
N PRO A 96 0.26 -12.15 -7.25
CA PRO A 96 -1.10 -12.03 -6.63
C PRO A 96 -1.96 -13.20 -6.90
N VAL A 97 -1.81 -13.90 -8.03
CA VAL A 97 -2.58 -15.08 -8.30
C VAL A 97 -2.28 -16.16 -7.23
N ASN A 98 -1.00 -16.41 -6.93
CA ASN A 98 -0.61 -17.39 -5.94
C ASN A 98 -1.14 -16.96 -4.53
N PHE A 99 -0.94 -15.72 -4.20
CA PHE A 99 -1.36 -15.18 -2.90
C PHE A 99 -2.84 -15.39 -2.73
N LEU A 100 -3.64 -15.00 -3.71
CA LEU A 100 -5.12 -15.11 -3.52
C LEU A 100 -5.59 -16.58 -3.52
N LYS A 101 -4.97 -17.42 -4.33
CA LYS A 101 -5.41 -18.85 -4.37
C LYS A 101 -5.35 -19.42 -3.02
N THR A 102 -4.33 -19.17 -2.25
CA THR A 102 -4.12 -19.83 -0.95
C THR A 102 -4.76 -19.00 0.20
N PHE A 103 -4.85 -17.68 0.07
CA PHE A 103 -5.21 -16.83 1.20
C PHE A 103 -6.60 -16.19 1.10
N LEU A 104 -7.20 -16.15 -0.09
CA LEU A 104 -8.53 -15.55 -0.17
C LEU A 104 -9.55 -16.13 0.82
N PRO A 105 -9.66 -17.46 1.01
CA PRO A 105 -10.63 -17.91 1.98
C PRO A 105 -10.44 -17.31 3.36
N GLU A 106 -9.22 -17.21 3.84
CA GLU A 106 -8.95 -16.61 5.13
C GLU A 106 -9.27 -15.08 5.10
N LEU A 107 -8.96 -14.40 4.03
CA LEU A 107 -9.37 -12.98 3.97
C LEU A 107 -10.86 -12.81 4.09
N ILE A 108 -11.65 -13.69 3.43
CA ILE A 108 -13.14 -13.58 3.51
C ILE A 108 -13.56 -13.87 4.93
N GLU A 109 -12.99 -14.90 5.57
CA GLU A 109 -13.42 -15.27 6.93
C GLU A 109 -13.02 -14.18 7.92
N LYS A 110 -11.89 -13.49 7.72
CA LYS A 110 -11.41 -12.44 8.60
C LYS A 110 -12.10 -11.10 8.28
N ASN A 111 -13.03 -11.03 7.36
CA ASN A 111 -13.76 -9.83 7.10
C ASN A 111 -12.88 -8.76 6.50
N VAL A 112 -11.84 -9.16 5.77
CA VAL A 112 -10.96 -8.17 5.13
C VAL A 112 -11.52 -7.76 3.80
N LYS A 113 -11.41 -6.54 3.36
CA LYS A 113 -11.87 -6.10 2.04
C LYS A 113 -10.66 -5.81 1.19
N VAL A 114 -10.51 -6.49 0.05
CA VAL A 114 -9.37 -6.29 -0.86
C VAL A 114 -9.62 -5.16 -1.80
N GLU A 115 -8.65 -4.24 -1.92
CA GLU A 115 -8.71 -3.11 -2.86
C GLU A 115 -7.39 -2.89 -3.54
N THR A 116 -7.36 -2.10 -4.60
CA THR A 116 -6.10 -1.67 -5.18
C THR A 116 -6.06 -0.19 -5.43
N ILE A 117 -4.86 0.35 -5.52
CA ILE A 117 -4.67 1.67 -6.21
C ILE A 117 -3.59 1.49 -7.22
N GLY A 118 -3.60 2.32 -8.27
CA GLY A 118 -2.65 2.23 -9.39
C GLY A 118 -3.39 1.96 -10.69
N PHE A 119 -2.60 1.78 -11.73
CA PHE A 119 -3.07 1.65 -13.10
C PHE A 119 -3.12 0.15 -13.38
N THR A 120 -4.12 -0.45 -12.80
CA THR A 120 -4.15 -1.93 -12.69
C THR A 120 -4.60 -2.56 -14.00
N ASP A 121 -4.96 -1.77 -14.97
CA ASP A 121 -5.26 -2.33 -16.30
C ASP A 121 -4.05 -2.85 -17.05
N LYS A 122 -2.86 -2.55 -16.57
CA LYS A 122 -1.59 -2.91 -17.19
C LYS A 122 -1.00 -4.29 -16.75
N LEU A 123 -1.69 -4.84 -15.80
CA LEU A 123 -1.35 -6.09 -15.26
C LEU A 123 -1.66 -7.27 -16.25
N PRO A 124 -1.07 -8.45 -16.05
CA PRO A 124 -1.46 -9.63 -16.83
C PRO A 124 -2.89 -9.84 -16.66
N LYS A 125 -3.54 -10.37 -17.69
CA LYS A 125 -4.94 -10.66 -17.60
C LYS A 125 -5.29 -11.64 -16.49
N SER A 126 -4.52 -12.65 -16.28
CA SER A 126 -4.81 -13.62 -15.17
C SER A 126 -4.74 -13.00 -13.75
N THR A 127 -3.84 -12.02 -13.64
CA THR A 127 -3.78 -11.19 -12.39
C THR A 127 -4.96 -10.27 -12.23
N ILE A 128 -5.39 -9.62 -13.32
CA ILE A 128 -6.59 -8.80 -13.23
C ILE A 128 -7.78 -9.63 -12.82
N GLU A 129 -7.93 -10.82 -13.42
CA GLU A 129 -9.05 -11.69 -13.08
C GLU A 129 -9.02 -12.14 -11.62
N ALA A 130 -7.84 -12.57 -11.16
CA ALA A 130 -7.76 -13.01 -9.74
C ALA A 130 -8.05 -11.84 -8.78
N ILE A 131 -7.52 -10.67 -9.08
CA ILE A 131 -7.78 -9.54 -8.14
C ILE A 131 -9.25 -9.16 -8.19
N ASN A 132 -9.88 -9.17 -9.42
CA ASN A 132 -11.31 -8.81 -9.51
C ASN A 132 -12.16 -9.81 -8.78
N ASN A 133 -11.83 -11.10 -8.81
CA ASN A 133 -12.56 -12.04 -8.11
C ASN A 133 -12.48 -11.74 -6.58
N ALA A 134 -11.22 -11.49 -6.10
CA ALA A 134 -11.04 -11.20 -4.67
C ALA A 134 -11.81 -9.91 -4.23
N LYS A 135 -11.83 -8.89 -5.08
CA LYS A 135 -12.56 -7.68 -4.79
C LYS A 135 -14.07 -8.02 -4.64
N GLU A 136 -14.57 -8.80 -5.61
CA GLU A 136 -16.04 -9.14 -5.59
C GLU A 136 -16.37 -9.99 -4.41
N LYS A 137 -15.52 -10.92 -4.04
CA LYS A 137 -15.82 -11.80 -2.93
C LYS A 137 -15.67 -11.19 -1.55
N THR A 138 -15.08 -9.99 -1.51
CA THR A 138 -14.90 -9.33 -0.20
C THR A 138 -15.56 -7.96 -0.25
N ALA A 139 -16.40 -7.62 -1.27
CA ALA A 139 -16.87 -6.25 -1.49
C ALA A 139 -17.72 -5.72 -0.31
N ASN A 140 -18.39 -6.59 0.40
CA ASN A 140 -19.22 -6.10 1.48
C ASN A 140 -18.54 -6.25 2.82
N ASN A 141 -17.29 -6.73 2.91
CA ASN A 141 -16.59 -6.85 4.19
C ASN A 141 -16.29 -5.53 4.81
N THR A 142 -16.43 -5.51 6.13
CA THR A 142 -16.36 -4.22 6.91
C THR A 142 -15.10 -4.12 7.74
N GLY A 143 -14.21 -5.10 7.63
CA GLY A 143 -12.94 -5.08 8.46
C GLY A 143 -11.81 -4.36 7.71
N LEU A 144 -10.61 -4.84 7.97
CA LEU A 144 -9.37 -4.18 7.39
C LEU A 144 -9.51 -4.04 5.91
N LYS A 145 -9.22 -2.88 5.38
CA LYS A 145 -9.06 -2.68 3.96
C LYS A 145 -7.60 -2.93 3.62
N LEU A 146 -7.38 -4.00 2.84
CA LEU A 146 -6.03 -4.38 2.41
C LEU A 146 -5.85 -3.89 1.01
N ILE A 147 -5.04 -2.83 0.84
CA ILE A 147 -4.96 -2.04 -0.38
C ILE A 147 -3.60 -2.28 -1.01
N PHE A 148 -3.60 -2.92 -2.17
CA PHE A 148 -2.36 -3.12 -2.93
C PHE A 148 -2.12 -1.99 -3.90
N ALA A 149 -0.99 -1.30 -3.76
CA ALA A 149 -0.61 -0.27 -4.71
C ALA A 149 0.25 -0.96 -5.79
N ILE A 150 -0.40 -1.19 -6.94
CA ILE A 150 0.25 -2.03 -7.96
C ILE A 150 0.20 -1.22 -9.29
N ASN A 151 1.38 -1.05 -9.87
CA ASN A 151 1.54 -0.09 -10.99
C ASN A 151 1.05 1.30 -10.54
N TYR A 152 1.60 1.77 -9.43
CA TYR A 152 1.16 2.97 -8.71
C TYR A 152 2.36 3.89 -8.55
N GLY A 153 2.15 5.19 -8.72
CA GLY A 153 3.16 6.17 -8.33
C GLY A 153 2.44 7.44 -8.04
N GLY A 154 2.92 8.20 -7.05
CA GLY A 154 2.24 9.44 -6.63
C GLY A 154 2.23 10.47 -7.73
N ARG A 155 3.30 10.65 -8.47
CA ARG A 155 3.26 11.67 -9.55
C ARG A 155 2.25 11.26 -10.63
N ALA A 156 2.22 9.99 -11.03
CA ALA A 156 1.27 9.57 -12.07
C ALA A 156 -0.10 9.61 -11.52
N GLU A 157 -0.40 9.24 -10.26
CA GLU A 157 -1.67 9.41 -9.67
C GLU A 157 -2.16 10.85 -9.79
N LEU A 158 -1.30 11.80 -9.43
CA LEU A 158 -1.67 13.23 -9.55
C LEU A 158 -1.90 13.58 -11.01
N VAL A 159 -1.06 13.22 -11.92
CA VAL A 159 -1.30 13.56 -13.35
C VAL A 159 -2.70 13.07 -13.71
N HIS A 160 -3.06 11.82 -13.41
CA HIS A 160 -4.36 11.30 -13.79
C HIS A 160 -5.50 12.00 -13.14
N SER A 161 -5.39 12.26 -11.87
CA SER A 161 -6.39 12.98 -11.14
C SER A 161 -6.60 14.40 -11.69
N ILE A 162 -5.51 15.06 -12.06
CA ILE A 162 -5.56 16.42 -12.66
C ILE A 162 -6.30 16.36 -13.97
N LYS A 163 -5.97 15.44 -14.85
CA LYS A 163 -6.73 15.28 -16.13
C LYS A 163 -8.22 15.08 -15.85
N ASN A 164 -8.57 14.25 -14.87
CA ASN A 164 -9.98 14.04 -14.55
C ASN A 164 -10.61 15.27 -14.01
N MET A 165 -9.98 16.03 -13.10
CA MET A 165 -10.56 17.27 -12.56
C MET A 165 -10.74 18.28 -13.71
N PHE A 166 -9.82 18.42 -14.61
CA PHE A 166 -9.96 19.39 -15.75
C PHE A 166 -11.26 19.07 -16.54
N ASP A 167 -11.45 17.77 -16.80
CA ASP A 167 -12.67 17.40 -17.62
C ASP A 167 -13.84 17.60 -16.76
N GLU A 168 -13.84 17.15 -15.53
CA GLU A 168 -15.03 17.23 -14.68
C GLU A 168 -15.51 18.66 -14.51
N LEU A 169 -14.57 19.60 -14.31
CA LEU A 169 -14.99 20.96 -14.09
C LEU A 169 -15.56 21.49 -15.43
N HIS A 170 -14.92 21.25 -16.53
CA HIS A 170 -15.45 21.76 -17.75
C HIS A 170 -16.83 21.21 -18.06
N GLN A 171 -17.03 19.93 -17.80
CA GLN A 171 -18.31 19.29 -18.08
C GLN A 171 -19.44 19.63 -17.13
N GLN A 172 -19.12 20.22 -15.99
CA GLN A 172 -20.06 20.63 -14.99
C GLN A 172 -20.26 22.12 -15.06
N GLY A 173 -19.69 22.79 -16.02
CA GLY A 173 -19.70 24.25 -16.21
C GLY A 173 -19.13 24.95 -14.96
N LEU A 174 -17.99 24.48 -14.46
CA LEU A 174 -17.32 25.10 -13.30
C LEU A 174 -15.95 25.66 -13.63
N ASN A 175 -15.55 26.63 -12.85
CA ASN A 175 -14.23 27.28 -12.93
C ASN A 175 -13.27 26.60 -11.97
N SER A 176 -11.98 26.89 -12.15
CA SER A 176 -10.97 26.30 -11.19
C SER A 176 -10.98 26.88 -9.83
N ASP A 177 -11.81 27.91 -9.54
CA ASP A 177 -11.91 28.44 -8.22
C ASP A 177 -12.38 27.43 -7.16
N ILE A 178 -13.12 26.40 -7.54
CA ILE A 178 -13.57 25.31 -6.68
C ILE A 178 -12.35 24.47 -6.16
N ILE A 179 -11.25 24.47 -6.93
CA ILE A 179 -10.16 23.53 -6.54
C ILE A 179 -9.46 24.02 -5.24
N ASP A 180 -9.48 23.17 -4.24
CA ASP A 180 -8.77 23.37 -3.00
C ASP A 180 -8.17 22.04 -2.57
N GLU A 181 -7.52 22.03 -1.40
CA GLU A 181 -6.75 20.84 -1.05
C GLU A 181 -7.74 19.75 -0.87
N THR A 182 -8.93 20.05 -0.31
CA THR A 182 -9.93 19.09 -0.14
C THR A 182 -10.48 18.45 -1.40
N TYR A 183 -10.75 19.30 -2.41
CA TYR A 183 -11.17 18.83 -3.68
C TYR A 183 -10.11 17.83 -4.33
N ILE A 184 -8.85 18.16 -4.23
CA ILE A 184 -7.84 17.22 -4.67
C ILE A 184 -7.88 15.90 -3.90
N ASN A 185 -7.99 15.95 -2.57
CA ASN A 185 -8.08 14.69 -1.81
C ASN A 185 -9.16 13.80 -2.38
N ASN A 186 -10.32 14.43 -2.74
CA ASN A 186 -11.48 13.72 -3.20
C ASN A 186 -11.41 13.28 -4.60
N HIS A 187 -10.33 13.54 -5.31
CA HIS A 187 -10.14 13.07 -6.70
C HIS A 187 -8.95 12.18 -6.90
N LEU A 188 -8.24 11.90 -5.83
CA LEU A 188 -7.11 10.93 -5.83
C LEU A 188 -7.60 9.47 -5.83
N MET A 189 -6.71 8.53 -6.14
CA MET A 189 -7.05 7.10 -6.04
C MET A 189 -7.43 6.70 -4.61
N THR A 190 -6.93 7.47 -3.64
CA THR A 190 -7.12 7.25 -2.22
C THR A 190 -8.29 8.10 -1.64
N LYS A 191 -9.21 8.58 -2.57
CA LYS A 191 -10.34 9.39 -2.11
C LYS A 191 -11.18 8.78 -1.01
N ASP A 192 -11.24 7.47 -0.92
CA ASP A 192 -12.06 6.89 0.15
C ASP A 192 -11.31 6.52 1.41
N TYR A 193 -10.01 6.91 1.52
CA TYR A 193 -9.16 6.53 2.67
C TYR A 193 -8.69 7.76 3.39
N PRO A 194 -8.56 7.76 4.72
CA PRO A 194 -7.88 8.87 5.35
C PRO A 194 -6.40 8.83 4.98
N ASP A 195 -5.69 9.90 5.11
CA ASP A 195 -4.25 9.90 4.91
C ASP A 195 -3.60 9.02 5.95
N PRO A 196 -2.50 8.31 5.64
CA PRO A 196 -1.87 7.41 6.66
C PRO A 196 -1.33 8.21 7.80
N GLU A 197 -1.53 7.82 9.03
CA GLU A 197 -0.81 8.44 10.13
C GLU A 197 0.68 8.02 10.11
N LEU A 198 0.92 6.84 9.61
CA LEU A 198 2.24 6.19 9.72
C LEU A 198 2.62 5.59 8.40
N LEU A 199 3.84 5.89 7.96
CA LEU A 199 4.50 5.28 6.81
C LEU A 199 5.70 4.54 7.34
N ILE A 200 5.76 3.25 7.08
CA ILE A 200 6.89 2.38 7.42
C ILE A 200 7.63 2.03 6.15
N ARG A 201 8.96 2.16 6.12
CA ARG A 201 9.74 1.53 5.00
C ARG A 201 10.74 0.61 5.63
N THR A 202 10.82 -0.61 5.12
CA THR A 202 11.83 -1.58 5.60
C THR A 202 13.12 -1.43 4.81
N SER A 203 14.15 -2.12 5.30
CA SER A 203 15.52 -2.31 4.77
C SER A 203 16.55 -1.25 5.12
N GLY A 204 16.15 -0.26 5.92
CA GLY A 204 17.02 0.92 6.16
C GLY A 204 17.24 1.95 5.13
N GLU A 205 16.66 1.92 3.96
CA GLU A 205 16.61 3.08 3.04
C GLU A 205 15.69 4.16 3.59
N GLN A 206 16.12 5.42 3.35
CA GLN A 206 15.41 6.59 3.89
C GLN A 206 15.01 7.48 2.76
N ARG A 207 13.87 7.19 2.19
CA ARG A 207 13.30 7.88 1.01
C ARG A 207 11.89 7.31 0.83
N ILE A 208 11.06 8.07 0.13
CA ILE A 208 9.67 7.62 -0.14
C ILE A 208 9.43 7.08 -1.49
N SER A 209 10.34 7.31 -2.44
CA SER A 209 10.28 6.67 -3.77
C SER A 209 8.90 6.73 -4.39
N ASN A 210 8.32 7.91 -4.49
CA ASN A 210 7.08 8.14 -5.21
C ASN A 210 5.90 7.51 -4.58
N PHE A 211 5.96 7.09 -3.30
CA PHE A 211 4.79 6.48 -2.69
C PHE A 211 3.92 7.51 -1.99
N LEU A 212 2.67 7.70 -2.44
CA LEU A 212 1.66 8.47 -1.68
C LEU A 212 2.16 9.88 -1.38
N ILE A 213 2.79 10.54 -2.36
CA ILE A 213 3.55 11.75 -2.05
C ILE A 213 2.62 12.87 -1.58
N TRP A 214 1.41 13.02 -2.10
CA TRP A 214 0.47 14.01 -1.56
C TRP A 214 -0.03 13.60 -0.18
N GLN A 215 -0.37 12.31 -0.03
CA GLN A 215 -1.07 11.83 1.13
C GLN A 215 -0.15 11.76 2.38
N VAL A 216 1.14 11.66 2.20
CA VAL A 216 2.03 11.54 3.37
C VAL A 216 2.56 12.89 3.85
N SER A 217 1.96 13.99 3.42
CA SER A 217 2.38 15.36 3.79
C SER A 217 2.70 15.49 5.29
N TYR A 218 1.90 14.92 6.19
CA TYR A 218 2.13 15.02 7.62
C TYR A 218 2.23 13.64 8.25
N SER A 219 2.41 12.55 7.51
CA SER A 219 2.62 11.24 8.12
C SER A 219 3.87 11.17 8.95
N GLU A 220 3.85 10.40 10.05
CA GLU A 220 5.08 9.99 10.73
C GLU A 220 5.78 8.95 9.91
N PHE A 221 7.09 9.00 9.81
CA PHE A 221 7.88 8.00 9.09
C PHE A 221 8.68 7.11 10.07
N ILE A 222 8.72 5.81 9.78
CA ILE A 222 9.61 4.90 10.50
C ILE A 222 10.39 4.16 9.45
N PHE A 223 11.70 4.22 9.59
CA PHE A 223 12.62 3.55 8.66
C PHE A 223 13.19 2.34 9.40
N ASN A 224 12.51 1.22 9.28
CA ASN A 224 12.81 -0.05 10.01
C ASN A 224 13.91 -0.73 9.28
N GLN A 225 14.90 -1.23 10.04
CA GLN A 225 16.08 -1.80 9.44
C GLN A 225 15.91 -3.23 8.96
N LYS A 226 14.90 -3.95 9.32
CA LYS A 226 14.75 -5.37 8.83
C LYS A 226 14.46 -5.32 7.36
N LEU A 227 14.99 -6.27 6.59
CA LEU A 227 14.52 -6.51 5.23
C LEU A 227 13.09 -7.01 5.28
N TRP A 228 12.27 -6.66 4.27
CA TRP A 228 10.82 -6.97 4.28
C TRP A 228 10.51 -8.41 4.66
N PRO A 229 11.20 -9.43 4.06
CA PRO A 229 10.78 -10.85 4.45
C PRO A 229 11.06 -11.13 5.89
N ASP A 230 11.89 -10.41 6.59
CA ASP A 230 12.13 -10.62 8.03
C ASP A 230 11.23 -9.76 8.89
N PHE A 231 10.43 -8.87 8.29
CA PHE A 231 9.52 -8.01 9.08
C PHE A 231 8.29 -8.79 9.56
N ASP A 232 8.08 -8.88 10.84
CA ASP A 232 7.08 -9.78 11.38
C ASP A 232 6.14 -9.05 12.35
N GLU A 233 5.31 -9.82 13.03
CA GLU A 233 4.30 -9.20 13.92
C GLU A 233 4.90 -8.43 15.00
N ASP A 234 5.97 -8.88 15.64
CA ASP A 234 6.58 -8.21 16.67
C ASP A 234 7.11 -6.88 16.15
N GLU A 235 7.69 -6.89 14.96
CA GLU A 235 8.24 -5.66 14.40
C GLU A 235 7.16 -4.63 14.11
N LEU A 236 6.03 -5.08 13.58
CA LEU A 236 4.89 -4.19 13.41
C LEU A 236 4.46 -3.54 14.69
N ILE A 237 4.34 -4.34 15.76
CA ILE A 237 3.95 -3.81 17.08
C ILE A 237 5.01 -2.87 17.58
N LYS A 238 6.30 -3.12 17.39
CA LYS A 238 7.31 -2.20 17.83
C LYS A 238 7.14 -0.86 17.04
N CYS A 239 6.88 -0.92 15.72
CA CYS A 239 6.68 0.33 14.96
C CYS A 239 5.49 1.08 15.49
N ILE A 240 4.38 0.42 15.79
CA ILE A 240 3.22 1.14 16.35
C ILE A 240 3.57 1.80 17.72
N LYS A 241 4.33 1.09 18.55
CA LYS A 241 4.69 1.70 19.82
C LYS A 241 5.57 2.90 19.59
N ILE A 242 6.54 2.84 18.64
CA ILE A 242 7.30 4.05 18.32
C ILE A 242 6.40 5.16 17.87
N TYR A 243 5.49 4.84 16.96
CA TYR A 243 4.54 5.85 16.47
C TYR A 243 3.75 6.51 17.62
N GLN A 244 3.34 5.71 18.60
CA GLN A 244 2.54 6.24 19.71
C GLN A 244 3.39 7.20 20.57
N SER A 245 4.68 7.20 20.51
CA SER A 245 5.58 8.11 21.27
C SER A 245 5.81 9.38 20.42
N ARG A 246 5.46 9.44 19.15
CA ARG A 246 5.76 10.66 18.35
C ARG A 246 4.84 11.79 18.75
N GLN A 247 5.31 12.99 18.66
CA GLN A 247 4.49 14.14 19.00
C GLN A 247 4.17 14.87 17.65
N ARG A 248 2.96 14.79 17.23
CA ARG A 248 2.49 15.36 15.92
C ARG A 248 1.97 16.77 16.19
N ARG A 249 2.30 17.70 15.34
CA ARG A 249 1.94 19.09 15.55
C ARG A 249 1.28 19.74 14.39
N PHE A 250 1.35 19.23 13.18
CA PHE A 250 0.62 19.75 12.05
C PHE A 250 0.83 21.27 11.81
N GLY A 251 2.05 21.70 12.03
CA GLY A 251 2.43 23.09 11.83
C GLY A 251 2.19 24.01 13.04
N GLY A 252 1.46 23.55 14.04
CA GLY A 252 1.20 24.38 15.25
C GLY A 252 2.08 24.02 16.35
N LEU A 253 1.79 24.56 17.55
CA LEU A 253 2.54 24.22 18.75
C LEU A 253 1.94 23.07 19.53
MG MG B . 14.62 -1.80 -3.09
C1 FPP C . 11.01 -4.04 -3.17
O1 FPP C . 12.07 -4.83 -2.69
C2 FPP C . 9.81 -4.78 -2.92
C3 FPP C . 8.80 -4.86 -3.97
C4 FPP C . 8.95 -4.24 -5.35
C5 FPP C . 7.53 -5.57 -3.56
C6 FPP C . 7.22 -6.67 -4.56
C7 FPP C . 5.81 -7.07 -4.15
C8 FPP C . 5.44 -8.48 -3.94
C10 FPP C . 6.51 -9.59 -4.11
C9 FPP C . 4.07 -8.83 -3.53
C11 FPP C . 3.25 -9.38 -4.72
C12 FPP C . 1.99 -10.05 -4.17
C13 FPP C . 0.75 -9.29 -4.00
C14 FPP C . 0.69 -7.81 -4.32
C15 FPP C . -0.43 -9.97 -3.41
PA FPP C . 13.31 -4.69 -3.66
O1A FPP C . 13.14 -5.65 -4.89
O2A FPP C . 13.56 -3.27 -4.01
O3A FPP C . 14.49 -5.24 -2.69
PB FPP C . 16.07 -4.67 -2.72
O1B FPP C . 16.73 -5.44 -1.49
O2B FPP C . 16.61 -5.17 -4.08
O3B FPP C . 16.00 -3.17 -2.50
S SO4 D . 14.13 2.77 -4.65
O1 SO4 D . 12.81 2.22 -4.34
O2 SO4 D . 14.18 4.24 -4.37
O3 SO4 D . 15.13 2.13 -3.84
O4 SO4 D . 14.55 2.58 -6.03
#